data_3OTY
#
_entry.id   3OTY
#
_cell.length_a   45.576
_cell.length_b   45.576
_cell.length_c   102.368
_cell.angle_alpha   90.00
_cell.angle_beta   90.00
_cell.angle_gamma   90.00
#
_symmetry.space_group_name_H-M   'P 41'
#
loop_
_entity.id
_entity.type
_entity.pdbx_description
1 polymer 'MDR HIV-1 protease'
2 polymer 'RT/RH substrate peptide'
3 water water
#
loop_
_entity_poly.entity_id
_entity_poly.type
_entity_poly.pdbx_seq_one_letter_code
_entity_poly.pdbx_strand_id
1 'polypeptide(L)'
;PQITLWQRPIVTIKIGGQLKEALLNTGADDTVLEEVNLPGRWKPKLIGGIGGFVKVRQYDQVPIEICGHKVIGTVLVGPT
PTNVIGRNLMTQIGCTLNF
;
A,B
2 'polypeptide(L)' ETFYVDG P
#
# COMPACT_ATOMS: atom_id res chain seq x y z
N PRO A 1 3.43 -14.95 -10.78
CA PRO A 1 2.37 -15.53 -9.96
C PRO A 1 1.11 -14.69 -9.89
N GLN A 2 0.01 -15.31 -9.45
CA GLN A 2 -1.16 -14.55 -9.03
C GLN A 2 -1.23 -14.59 -7.51
N ILE A 3 -1.22 -13.42 -6.89
CA ILE A 3 -1.15 -13.29 -5.43
C ILE A 3 -2.46 -12.75 -4.88
N THR A 4 -3.15 -13.56 -4.07
CA THR A 4 -4.39 -13.13 -3.45
C THR A 4 -4.05 -12.31 -2.17
N LEU A 5 -5.01 -11.55 -1.66
CA LEU A 5 -4.67 -10.54 -0.69
C LEU A 5 -5.25 -10.83 0.71
N TRP A 6 -5.56 -12.11 0.97
CA TRP A 6 -6.04 -12.51 2.29
C TRP A 6 -4.93 -12.34 3.36
N GLN A 7 -3.67 -12.51 2.93
CA GLN A 7 -2.51 -12.21 3.78
C GLN A 7 -1.72 -11.06 3.16
N ARG A 8 -0.77 -10.53 3.93
CA ARG A 8 0.13 -9.49 3.42
C ARG A 8 1.00 -10.02 2.30
N PRO A 9 1.04 -9.30 1.15
CA PRO A 9 1.77 -9.80 0.00
C PRO A 9 3.30 -9.63 0.12
N ILE A 10 3.89 -10.47 0.94
CA ILE A 10 5.34 -10.48 1.22
C ILE A 10 6.02 -11.46 0.26
N VAL A 11 7.06 -10.96 -0.41
CA VAL A 11 7.83 -11.75 -1.35
C VAL A 11 9.34 -11.68 -1.04
N THR A 12 10.06 -12.67 -1.54
CA THR A 12 11.52 -12.73 -1.45
C THR A 12 12.15 -11.84 -2.52
N ILE A 13 13.16 -11.09 -2.12
CA ILE A 13 13.89 -10.24 -3.05
C ILE A 13 15.38 -10.52 -2.88
N LYS A 14 16.14 -10.29 -3.95
CA LYS A 14 17.61 -10.29 -3.87
C LYS A 14 18.12 -8.89 -4.17
N ILE A 15 18.85 -8.31 -3.23
CA ILE A 15 19.35 -6.95 -3.39
C ILE A 15 20.74 -6.82 -2.76
N GLY A 16 21.65 -6.18 -3.48
CA GLY A 16 23.01 -5.94 -2.99
C GLY A 16 23.72 -7.17 -2.44
N GLY A 17 23.47 -8.32 -3.06
CA GLY A 17 24.10 -9.59 -2.62
C GLY A 17 23.41 -10.24 -1.43
N GLN A 18 22.25 -9.72 -1.02
CA GLN A 18 21.56 -10.22 0.18
C GLN A 18 20.17 -10.74 -0.19
N LEU A 19 19.65 -11.63 0.62
CA LEU A 19 18.30 -12.18 0.46
C LEU A 19 17.41 -11.55 1.52
N LYS A 20 16.33 -10.89 1.08
CA LYS A 20 15.46 -10.17 1.98
C LYS A 20 14.00 -10.47 1.63
N GLU A 21 13.10 -10.04 2.51
CA GLU A 21 11.66 -10.06 2.26
C GLU A 21 11.10 -8.65 2.25
N ALA A 22 10.08 -8.43 1.43
CA ALA A 22 9.48 -7.12 1.32
C ALA A 22 8.03 -7.23 0.91
N LEU A 23 7.29 -6.17 1.21
CA LEU A 23 5.84 -6.12 1.01
C LEU A 23 5.56 -5.44 -0.35
N LEU A 24 4.78 -6.10 -1.19
CA LEU A 24 4.33 -5.51 -2.47
C LEU A 24 3.25 -4.50 -2.12
N ASN A 25 3.58 -3.20 -2.24
CA ASN A 25 2.73 -2.15 -1.70
C ASN A 25 2.29 -1.15 -2.77
N THR A 26 1.08 -1.36 -3.27
CA THR A 26 0.53 -0.49 -4.30
C THR A 26 0.21 0.94 -3.79
N GLY A 27 0.16 1.12 -2.47
CA GLY A 27 -0.04 2.45 -1.88
C GLY A 27 1.22 3.26 -1.71
N ALA A 28 2.37 2.67 -2.06
CA ALA A 28 3.66 3.33 -1.92
C ALA A 28 4.20 3.72 -3.30
N ASP A 29 4.61 4.98 -3.47
CA ASP A 29 5.20 5.41 -4.75
C ASP A 29 6.56 4.78 -4.95
N ASP A 30 7.32 4.69 -3.86
CA ASP A 30 8.74 4.32 -3.94
C ASP A 30 9.04 3.06 -3.14
N THR A 31 10.22 2.50 -3.38
CA THR A 31 10.67 1.29 -2.73
C THR A 31 11.64 1.71 -1.64
N VAL A 32 11.38 1.25 -0.42
CA VAL A 32 12.22 1.62 0.72
C VAL A 32 12.65 0.34 1.42
N LEU A 33 13.95 0.19 1.59
CA LEU A 33 14.51 -1.03 2.20
C LEU A 33 15.49 -0.65 3.29
N GLU A 34 15.53 -1.42 4.36
CA GLU A 34 16.55 -1.16 5.39
C GLU A 34 17.62 -2.25 5.45
N GLU A 35 18.75 -1.93 6.09
CA GLU A 35 19.84 -2.91 6.32
C GLU A 35 20.39 -3.50 5.03
N VAL A 36 20.62 -2.64 4.04
CA VAL A 36 21.31 -3.02 2.82
C VAL A 36 22.47 -2.06 2.59
N ASN A 37 23.57 -2.57 2.09
CA ASN A 37 24.72 -1.76 1.76
C ASN A 37 24.81 -1.91 0.25
N LEU A 38 24.47 -0.83 -0.44
CA LEU A 38 24.52 -0.79 -1.88
C LEU A 38 25.75 -0.03 -2.31
N PRO A 39 26.42 -0.49 -3.40
CA PRO A 39 27.60 0.14 -3.93
C PRO A 39 27.26 1.34 -4.82
N GLY A 40 28.23 2.19 -5.12
CA GLY A 40 27.92 3.25 -6.12
C GLY A 40 27.27 4.48 -5.53
N ARG A 41 26.79 5.37 -6.41
CA ARG A 41 26.45 6.73 -5.96
C ARG A 41 25.08 6.82 -5.32
N TRP A 42 24.91 7.79 -4.43
CA TRP A 42 23.59 8.06 -3.84
C TRP A 42 23.45 9.55 -3.55
N LYS A 43 22.20 9.96 -3.34
CA LYS A 43 21.91 11.33 -2.85
C LYS A 43 20.83 11.22 -1.78
N PRO A 44 20.85 12.13 -0.78
CA PRO A 44 19.79 12.11 0.23
C PRO A 44 18.45 12.49 -0.39
N LYS A 45 17.38 11.95 0.17
CA LYS A 45 16.03 12.26 -0.26
C LYS A 45 15.21 12.35 1.03
N LEU A 46 14.33 13.34 1.11
CA LEU A 46 13.36 13.44 2.20
C LEU A 46 12.07 12.78 1.79
N ILE A 47 11.60 11.86 2.61
CA ILE A 47 10.33 11.18 2.36
C ILE A 47 9.40 11.32 3.55
N GLY A 48 8.25 10.64 3.50
CA GLY A 48 7.18 10.87 4.48
C GLY A 48 6.87 12.35 4.48
N GLY A 49 6.63 12.91 5.65
CA GLY A 49 6.10 14.28 5.74
C GLY A 49 5.05 14.44 6.84
N ILE A 50 4.53 13.32 7.33
CA ILE A 50 3.74 13.37 8.55
C ILE A 50 4.73 13.41 9.72
N GLY A 51 4.56 14.41 10.61
CA GLY A 51 5.34 14.62 11.87
C GLY A 51 6.77 15.17 11.70
N GLY A 52 7.12 15.40 10.45
CA GLY A 52 8.48 15.71 10.04
C GLY A 52 8.73 14.90 8.78
N PHE A 53 9.98 14.89 8.34
CA PHE A 53 10.37 14.11 7.19
C PHE A 53 11.42 13.11 7.65
N VAL A 54 11.57 12.03 6.89
CA VAL A 54 12.61 11.03 7.12
C VAL A 54 13.60 11.20 5.99
N LYS A 55 14.90 11.24 6.31
CA LYS A 55 15.94 11.31 5.26
C LYS A 55 16.46 9.92 4.93
N VAL A 56 16.49 9.60 3.64
CA VAL A 56 16.98 8.30 3.21
C VAL A 56 18.02 8.52 2.12
N ARG A 57 18.70 7.45 1.75
CA ARG A 57 19.69 7.51 0.67
C ARG A 57 19.02 6.96 -0.60
N GLN A 58 18.98 7.78 -1.64
CA GLN A 58 18.41 7.38 -2.94
C GLN A 58 19.51 6.84 -3.86
N TYR A 59 19.37 5.57 -4.23
CA TYR A 59 20.24 4.95 -5.22
C TYR A 59 19.41 4.76 -6.46
N ASP A 60 19.93 5.23 -7.58
CA ASP A 60 19.25 5.07 -8.84
C ASP A 60 19.71 3.86 -9.62
N GLN A 61 18.78 3.33 -10.42
CA GLN A 61 19.06 2.23 -11.33
C GLN A 61 19.73 1.03 -10.64
N VAL A 62 19.14 0.57 -9.56
CA VAL A 62 19.67 -0.51 -8.78
C VAL A 62 19.14 -1.84 -9.34
N PRO A 63 20.05 -2.77 -9.68
CA PRO A 63 19.62 -4.11 -10.04
C PRO A 63 19.04 -4.82 -8.81
N ILE A 64 17.86 -5.39 -8.97
CA ILE A 64 17.16 -6.06 -7.89
C ILE A 64 16.34 -7.19 -8.49
N GLU A 65 16.25 -8.31 -7.78
CA GLU A 65 15.43 -9.46 -8.18
C GLU A 65 14.27 -9.54 -7.22
N ILE A 66 13.07 -9.55 -7.79
CA ILE A 66 11.86 -9.49 -6.99
C ILE A 66 11.05 -10.68 -7.43
N CYS A 67 10.94 -11.65 -6.53
CA CYS A 67 10.15 -12.83 -6.77
C CYS A 67 10.56 -13.42 -8.13
N GLY A 68 11.86 -13.55 -8.35
CA GLY A 68 12.38 -14.19 -9.54
C GLY A 68 12.55 -13.34 -10.80
N HIS A 69 12.08 -12.09 -10.73
CA HIS A 69 12.16 -11.16 -11.87
C HIS A 69 13.31 -10.19 -11.62
N LYS A 70 14.33 -10.24 -12.47
CA LYS A 70 15.50 -9.36 -12.38
C LYS A 70 15.15 -8.04 -13.06
N VAL A 71 15.09 -6.98 -12.28
CA VAL A 71 14.75 -5.66 -12.83
C VAL A 71 15.72 -4.59 -12.34
N ILE A 72 15.44 -3.33 -12.71
CA ILE A 72 16.25 -2.19 -12.36
C ILE A 72 15.33 -1.07 -11.91
N GLY A 73 15.64 -0.47 -10.77
CA GLY A 73 14.89 0.73 -10.39
C GLY A 73 15.51 1.47 -9.20
N THR A 74 14.94 2.62 -8.87
CA THR A 74 15.42 3.39 -7.72
C THR A 74 15.08 2.65 -6.41
N VAL A 75 16.05 2.60 -5.50
CA VAL A 75 15.82 2.01 -4.17
C VAL A 75 16.22 3.06 -3.17
N LEU A 76 15.30 3.35 -2.23
CA LEU A 76 15.61 4.25 -1.12
C LEU A 76 16.07 3.36 0.04
N VAL A 77 17.18 3.73 0.69
CA VAL A 77 17.68 2.93 1.79
C VAL A 77 17.63 3.73 3.06
N GLY A 78 16.92 3.19 4.03
CA GLY A 78 16.77 3.83 5.32
C GLY A 78 15.88 3.00 6.21
N PRO A 79 15.75 3.41 7.48
CA PRO A 79 15.07 2.56 8.44
C PRO A 79 13.59 2.57 8.06
N THR A 80 12.99 1.40 8.02
CA THR A 80 11.61 1.37 7.60
C THR A 80 10.94 0.30 8.44
N PRO A 81 9.73 0.59 8.93
CA PRO A 81 9.04 -0.40 9.73
C PRO A 81 8.92 -1.74 9.04
N THR A 82 8.77 -1.75 7.72
CA THR A 82 8.71 -3.00 6.95
C THR A 82 9.33 -2.68 5.59
N ASN A 83 10.08 -3.63 5.00
CA ASN A 83 10.69 -3.38 3.66
C ASN A 83 9.56 -3.29 2.66
N VAL A 84 9.60 -2.28 1.80
CA VAL A 84 8.46 -2.01 0.91
C VAL A 84 8.91 -1.98 -0.54
N ILE A 85 8.23 -2.77 -1.37
CA ILE A 85 8.36 -2.66 -2.85
C ILE A 85 7.25 -1.75 -3.31
N GLY A 86 7.60 -0.56 -3.81
CA GLY A 86 6.57 0.42 -4.24
C GLY A 86 6.23 0.29 -5.70
N ARG A 87 5.32 1.14 -6.18
CA ARG A 87 4.92 1.02 -7.58
C ARG A 87 6.11 1.14 -8.55
N ASN A 88 7.11 1.95 -8.20
CA ASN A 88 8.23 2.16 -9.11
C ASN A 88 8.87 0.86 -9.57
N LEU A 89 8.91 -0.14 -8.70
CA LEU A 89 9.45 -1.46 -9.04
C LEU A 89 8.38 -2.47 -9.47
N MET A 90 7.17 -2.30 -8.99
CA MET A 90 6.10 -3.17 -9.46
C MET A 90 5.85 -2.97 -10.95
N THR A 91 5.95 -1.73 -11.44
CA THR A 91 5.85 -1.53 -12.91
C THR A 91 6.94 -2.29 -13.67
N GLN A 92 8.16 -2.32 -13.11
CA GLN A 92 9.28 -3.00 -13.75
C GLN A 92 9.07 -4.49 -13.92
N ILE A 93 8.49 -5.13 -12.90
CA ILE A 93 8.19 -6.56 -12.95
C ILE A 93 6.89 -6.89 -13.72
N GLY A 94 6.18 -5.85 -14.13
CA GLY A 94 4.92 -6.00 -14.90
C GLY A 94 3.76 -6.44 -14.04
N CYS A 95 3.76 -5.97 -12.80
CA CYS A 95 2.74 -6.32 -11.81
C CYS A 95 1.53 -5.41 -11.94
N THR A 96 0.36 -6.05 -12.06
CA THR A 96 -0.91 -5.34 -12.18
C THR A 96 -1.90 -5.79 -11.11
N LEU A 97 -2.89 -4.95 -10.84
CA LEU A 97 -4.01 -5.30 -10.00
C LEU A 97 -5.12 -5.76 -10.92
N ASN A 98 -5.75 -6.89 -10.57
CA ASN A 98 -6.77 -7.48 -11.44
C ASN A 98 -8.00 -7.92 -10.68
N PHE A 99 -9.17 -7.57 -11.20
CA PHE A 99 -10.43 -8.04 -10.62
C PHE A 99 -11.60 -7.98 -11.62
CA PRO B 1 -10.27 -4.30 -14.94
C PRO B 1 -8.87 -4.84 -14.61
N GLN B 2 -7.92 -4.63 -15.52
CA GLN B 2 -6.51 -4.74 -15.20
C GLN B 2 -5.94 -3.33 -15.02
N ILE B 3 -5.31 -3.11 -13.87
CA ILE B 3 -4.79 -1.77 -13.50
C ILE B 3 -3.27 -1.82 -13.39
N THR B 4 -2.60 -1.05 -14.26
CA THR B 4 -1.15 -0.94 -14.23
C THR B 4 -0.74 0.09 -13.16
N LEU B 5 0.49 0.02 -12.73
CA LEU B 5 0.85 0.82 -11.56
C LEU B 5 1.78 2.00 -11.85
N TRP B 6 1.77 2.48 -13.09
CA TRP B 6 2.55 3.68 -13.46
C TRP B 6 2.02 4.93 -12.73
N GLN B 7 0.72 4.96 -12.45
CA GLN B 7 0.11 6.01 -11.62
C GLN B 7 -0.50 5.38 -10.35
N ARG B 8 -0.89 6.20 -9.39
CA ARG B 8 -1.56 5.70 -8.18
C ARG B 8 -2.90 5.08 -8.55
N PRO B 9 -3.17 3.87 -8.05
CA PRO B 9 -4.38 3.17 -8.42
C PRO B 9 -5.65 3.65 -7.69
N ILE B 10 -6.13 4.81 -8.13
CA ILE B 10 -7.32 5.48 -7.58
C ILE B 10 -8.55 5.02 -8.36
N VAL B 11 -9.57 4.59 -7.61
CA VAL B 11 -10.81 4.14 -8.19
C VAL B 11 -11.99 4.87 -7.54
N THR B 12 -13.13 4.83 -8.24
CA THR B 12 -14.38 5.39 -7.74
C THR B 12 -15.09 4.36 -6.87
N ILE B 13 -15.64 4.84 -5.77
CA ILE B 13 -16.39 3.99 -4.84
C ILE B 13 -17.70 4.70 -4.50
N LYS B 14 -18.69 3.91 -4.13
CA LYS B 14 -19.94 4.42 -3.56
C LYS B 14 -20.09 3.90 -2.15
N ILE B 15 -20.24 4.81 -1.22
CA ILE B 15 -20.32 4.46 0.19
C ILE B 15 -21.28 5.41 0.91
N GLY B 16 -22.18 4.85 1.72
CA GLY B 16 -23.15 5.64 2.50
C GLY B 16 -23.94 6.63 1.68
N GLY B 17 -24.26 6.26 0.46
CA GLY B 17 -25.01 7.13 -0.46
C GLY B 17 -24.19 8.22 -1.12
N GLN B 18 -22.86 8.17 -0.98
CA GLN B 18 -21.98 9.18 -1.57
C GLN B 18 -21.02 8.55 -2.59
N LEU B 19 -20.48 9.37 -3.47
CA LEU B 19 -19.50 8.95 -4.47
C LEU B 19 -18.16 9.52 -4.02
N LYS B 20 -17.14 8.67 -3.93
CA LYS B 20 -15.84 9.07 -3.43
C LYS B 20 -14.76 8.43 -4.30
N GLU B 21 -13.52 8.87 -4.10
CA GLU B 21 -12.36 8.21 -4.70
C GLU B 21 -11.48 7.66 -3.61
N ALA B 22 -10.81 6.55 -3.90
CA ALA B 22 -9.95 5.91 -2.91
C ALA B 22 -8.85 5.16 -3.64
N LEU B 23 -7.78 4.92 -2.88
CA LEU B 23 -6.56 4.30 -3.39
C LEU B 23 -6.57 2.80 -3.05
N LEU B 24 -6.35 1.98 -4.07
CA LEU B 24 -6.26 0.52 -3.89
C LEU B 24 -4.89 0.24 -3.32
N ASN B 25 -4.85 -0.13 -2.03
CA ASN B 25 -3.60 -0.14 -1.29
C ASN B 25 -3.29 -1.50 -0.68
N THR B 26 -2.49 -2.28 -1.40
CA THR B 26 -2.17 -3.65 -0.96
C THR B 26 -1.28 -3.64 0.30
N GLY B 27 -0.69 -2.49 0.62
CA GLY B 27 0.09 -2.38 1.85
C GLY B 27 -0.72 -2.07 3.08
N ALA B 28 -2.02 -1.86 2.91
CA ALA B 28 -2.91 -1.55 4.03
C ALA B 28 -3.78 -2.74 4.38
N ASP B 29 -3.82 -3.09 5.66
CA ASP B 29 -4.66 -4.23 6.10
C ASP B 29 -6.13 -3.86 6.00
N ASP B 30 -6.43 -2.60 6.34
CA ASP B 30 -7.80 -2.15 6.55
C ASP B 30 -8.17 -1.01 5.59
N THR B 31 -9.47 -0.75 5.48
CA THR B 31 -9.99 0.32 4.67
C THR B 31 -10.31 1.52 5.58
N VAL B 32 -9.77 2.69 5.21
CA VAL B 32 -10.00 3.88 6.03
C VAL B 32 -10.50 4.97 5.12
N LEU B 33 -11.63 5.56 5.50
CA LEU B 33 -12.26 6.58 4.66
C LEU B 33 -12.61 7.78 5.53
N GLU B 34 -12.49 8.98 4.98
CA GLU B 34 -12.92 10.15 5.74
C GLU B 34 -14.20 10.80 5.19
N GLU B 35 -14.84 11.64 6.00
CA GLU B 35 -16.01 12.41 5.54
C GLU B 35 -17.13 11.55 4.99
N VAL B 36 -17.40 10.44 5.66
CA VAL B 36 -18.56 9.62 5.33
C VAL B 36 -19.38 9.47 6.59
N ASN B 37 -20.69 9.47 6.44
CA ASN B 37 -21.58 9.39 7.57
C ASN B 37 -22.35 8.09 7.36
N LEU B 38 -21.92 7.04 8.07
CA LEU B 38 -22.51 5.73 7.92
C LEU B 38 -23.56 5.50 8.99
N PRO B 39 -24.66 4.81 8.64
CA PRO B 39 -25.68 4.53 9.62
C PRO B 39 -25.36 3.29 10.46
N GLY B 40 -26.09 3.06 11.53
CA GLY B 40 -25.86 1.79 12.25
C GLY B 40 -24.70 1.79 13.25
N ARG B 41 -24.38 0.61 13.77
CA ARG B 41 -23.51 0.54 14.97
C ARG B 41 -22.05 0.72 14.63
N TRP B 42 -21.28 1.26 15.57
CA TRP B 42 -19.82 1.35 15.40
C TRP B 42 -19.15 1.16 16.77
N LYS B 43 -17.85 0.88 16.74
CA LYS B 43 -17.04 0.87 17.96
C LYS B 43 -15.71 1.55 17.65
N PRO B 44 -15.12 2.24 18.66
CA PRO B 44 -13.80 2.86 18.42
C PRO B 44 -12.71 1.80 18.14
N LYS B 45 -11.74 2.14 17.31
CA LYS B 45 -10.61 1.28 17.04
C LYS B 45 -9.38 2.19 17.02
N LEU B 46 -8.27 1.71 17.60
CA LEU B 46 -7.00 2.41 17.51
C LEU B 46 -6.18 1.84 16.36
N ILE B 47 -5.76 2.72 15.47
CA ILE B 47 -4.91 2.30 14.36
C ILE B 47 -3.59 3.08 14.33
N GLY B 48 -2.79 2.82 13.31
CA GLY B 48 -1.45 3.42 13.22
C GLY B 48 -0.62 2.82 14.34
N GLY B 49 0.00 3.69 15.11
CA GLY B 49 0.96 3.25 16.14
C GLY B 49 2.33 3.92 16.06
N ILE B 50 2.68 4.45 14.90
CA ILE B 50 3.86 5.32 14.83
C ILE B 50 3.45 6.71 15.37
N GLY B 51 4.17 7.20 16.39
CA GLY B 51 3.99 8.55 17.02
C GLY B 51 2.82 8.69 18.02
N GLY B 52 2.08 7.61 18.17
CA GLY B 52 0.86 7.59 18.95
C GLY B 52 -0.07 6.73 18.11
N PHE B 53 -1.33 6.68 18.51
CA PHE B 53 -2.34 5.98 17.76
C PHE B 53 -3.38 6.98 17.30
N VAL B 54 -4.11 6.61 16.25
CA VAL B 54 -5.24 7.38 15.75
C VAL B 54 -6.50 6.58 16.06
N LYS B 55 -7.52 7.25 16.60
CA LYS B 55 -8.77 6.58 16.93
C LYS B 55 -9.76 6.80 15.79
N VAL B 56 -10.36 5.71 15.31
CA VAL B 56 -11.35 5.80 14.24
C VAL B 56 -12.61 5.06 14.68
N ARG B 57 -13.69 5.21 13.91
CA ARG B 57 -14.93 4.44 14.16
C ARG B 57 -14.92 3.22 13.25
N GLN B 58 -15.06 2.05 13.85
CA GLN B 58 -15.13 0.80 13.09
C GLN B 58 -16.59 0.41 12.85
N TYR B 59 -16.96 0.35 11.57
CA TYR B 59 -18.26 -0.13 11.15
C TYR B 59 -18.06 -1.46 10.46
N ASP B 60 -18.81 -2.46 10.90
CA ASP B 60 -18.69 -3.79 10.33
C ASP B 60 -19.73 -4.03 9.26
N GLN B 61 -19.39 -4.92 8.32
CA GLN B 61 -20.28 -5.37 7.27
C GLN B 61 -20.98 -4.22 6.54
N VAL B 62 -20.18 -3.27 6.08
CA VAL B 62 -20.68 -2.12 5.38
C VAL B 62 -20.79 -2.44 3.89
N PRO B 63 -21.99 -2.21 3.32
CA PRO B 63 -22.11 -2.33 1.87
C PRO B 63 -21.37 -1.20 1.18
N ILE B 64 -20.54 -1.55 0.21
CA ILE B 64 -19.74 -0.57 -0.50
C ILE B 64 -19.56 -1.05 -1.93
N GLU B 65 -19.59 -0.13 -2.88
CA GLU B 65 -19.36 -0.47 -4.27
C GLU B 65 -17.99 0.06 -4.65
N ILE B 66 -17.13 -0.83 -5.15
CA ILE B 66 -15.75 -0.45 -5.47
C ILE B 66 -15.55 -0.74 -6.93
N CYS B 67 -15.40 0.34 -7.70
CA CYS B 67 -15.15 0.20 -9.11
C CYS B 67 -16.17 -0.79 -9.70
N GLY B 68 -17.45 -0.55 -9.38
CA GLY B 68 -18.57 -1.33 -9.94
C GLY B 68 -18.94 -2.66 -9.27
N HIS B 69 -18.11 -3.07 -8.31
CA HIS B 69 -18.31 -4.33 -7.59
C HIS B 69 -18.95 -4.04 -6.25
N LYS B 70 -20.18 -4.53 -6.07
CA LYS B 70 -20.94 -4.37 -4.83
C LYS B 70 -20.49 -5.43 -3.83
N VAL B 71 -19.81 -4.99 -2.76
CA VAL B 71 -19.31 -5.90 -1.74
C VAL B 71 -19.69 -5.43 -0.34
N ILE B 72 -19.25 -6.20 0.66
CA ILE B 72 -19.46 -5.94 2.06
C ILE B 72 -18.13 -6.12 2.81
N GLY B 73 -17.81 -5.15 3.67
CA GLY B 73 -16.66 -5.36 4.55
C GLY B 73 -16.62 -4.30 5.64
N THR B 74 -15.64 -4.44 6.53
CA THR B 74 -15.42 -3.44 7.56
C THR B 74 -14.83 -2.16 6.97
N VAL B 75 -15.38 -1.02 7.41
CA VAL B 75 -14.86 0.29 6.98
C VAL B 75 -14.54 1.08 8.24
N LEU B 76 -13.30 1.59 8.31
CA LEU B 76 -12.88 2.47 9.40
C LEU B 76 -13.13 3.89 8.92
N VAL B 77 -13.76 4.71 9.74
CA VAL B 77 -14.04 6.09 9.37
C VAL B 77 -13.29 7.03 10.29
N GLY B 78 -12.46 7.85 9.67
CA GLY B 78 -11.72 8.86 10.40
C GLY B 78 -10.85 9.61 9.44
N PRO B 79 -10.11 10.60 9.97
CA PRO B 79 -9.36 11.49 9.08
C PRO B 79 -8.21 10.70 8.51
N THR B 80 -8.02 10.79 7.21
CA THR B 80 -6.98 10.03 6.58
C THR B 80 -6.45 10.89 5.47
N PRO B 81 -5.10 10.96 5.35
CA PRO B 81 -4.54 11.80 4.31
C PRO B 81 -5.09 11.48 2.93
N THR B 82 -5.42 10.22 2.68
CA THR B 82 -6.04 9.84 1.42
C THR B 82 -6.95 8.64 1.69
N ASN B 83 -8.10 8.55 1.03
CA ASN B 83 -9.04 7.42 1.28
C ASN B 83 -8.38 6.15 0.82
N VAL B 84 -8.41 5.09 1.63
CA VAL B 84 -7.69 3.86 1.32
C VAL B 84 -8.62 2.65 1.31
N ILE B 85 -8.57 1.89 0.21
CA ILE B 85 -9.18 0.54 0.13
C ILE B 85 -8.06 -0.44 0.47
N GLY B 86 -8.20 -1.07 1.63
CA GLY B 86 -7.17 -2.02 2.11
C GLY B 86 -7.45 -3.44 1.68
N ARG B 87 -6.55 -4.35 2.05
CA ARG B 87 -6.73 -5.74 1.61
C ARG B 87 -8.09 -6.30 1.98
N ASN B 88 -8.63 -5.90 3.13
CA ASN B 88 -9.90 -6.46 3.60
C ASN B 88 -11.00 -6.34 2.56
N LEU B 89 -11.02 -5.27 1.81
CA LEU B 89 -12.03 -5.10 0.75
C LEU B 89 -11.54 -5.53 -0.65
N MET B 90 -10.24 -5.47 -0.89
CA MET B 90 -9.72 -6.02 -2.13
C MET B 90 -10.00 -7.54 -2.24
N THR B 91 -9.91 -8.26 -1.11
CA THR B 91 -10.28 -9.69 -1.19
C THR B 91 -11.75 -9.87 -1.62
N GLN B 92 -12.62 -8.98 -1.15
CA GLN B 92 -14.04 -9.08 -1.45
C GLN B 92 -14.36 -8.90 -2.92
N ILE B 93 -13.67 -7.95 -3.58
CA ILE B 93 -13.83 -7.72 -4.99
C ILE B 93 -13.06 -8.71 -5.88
N GLY B 94 -12.28 -9.59 -5.25
CA GLY B 94 -11.53 -10.61 -5.95
C GLY B 94 -10.28 -10.07 -6.64
N CYS B 95 -9.72 -9.02 -6.04
CA CYS B 95 -8.56 -8.33 -6.58
C CYS B 95 -7.29 -9.07 -6.23
N THR B 96 -6.49 -9.34 -7.26
CA THR B 96 -5.21 -10.01 -7.10
C THR B 96 -4.06 -9.19 -7.68
N LEU B 97 -2.85 -9.48 -7.22
CA LEU B 97 -1.63 -8.96 -7.84
C LEU B 97 -1.12 -10.01 -8.82
N ASN B 98 -0.77 -9.57 -10.03
CA ASN B 98 -0.36 -10.52 -11.07
C ASN B 98 0.87 -10.07 -11.81
N PHE B 99 1.83 -10.99 -11.99
CA PHE B 99 3.00 -10.70 -12.81
C PHE B 99 3.70 -11.96 -13.33
N GLU C 1 3.59 10.18 -2.26
CA GLU C 1 3.10 9.68 -0.94
C GLU C 1 2.89 8.14 -1.03
N THR C 2 4.05 7.46 -0.85
CA THR C 2 4.13 6.14 -0.27
C THR C 2 3.24 5.98 0.98
N PHE C 3 2.61 4.79 1.18
CA PHE C 3 1.53 4.71 2.20
C PHE C 3 1.47 3.51 3.19
N TYR C 4 1.10 2.31 2.72
CA TYR C 4 1.06 1.15 3.62
C TYR C 4 -0.01 1.27 4.72
N VAL C 5 0.03 0.36 5.70
CA VAL C 5 -0.54 0.65 7.02
C VAL C 5 -1.24 -0.46 7.85
N ASP C 6 -1.26 -0.19 9.15
CA ASP C 6 -1.77 -1.11 10.15
C ASP C 6 -2.52 -0.41 11.27
N GLY C 7 -2.45 -1.00 12.45
CA GLY C 7 -3.28 -0.62 13.57
C GLY C 7 -4.32 -1.69 13.83
#